data_1CGL
#
_entry.id   1CGL
#
_cell.length_a   78.200
_cell.length_b   78.200
_cell.length_c   87.400
_cell.angle_alpha   90.00
_cell.angle_beta   90.00
_cell.angle_gamma   120.00
#
_symmetry.space_group_name_H-M   'P 64'
#
loop_
_entity.id
_entity.type
_entity.pdbx_description
1 polymer 'FIBROBLAST COLLAGENASE'
2 non-polymer 'ZINC ION'
3 non-polymer 'CALCIUM ION'
4 non-polymer N-[(1S)-3-{[(benzyloxy)carbonyl]amino}-1-carboxypropyl]-L-leucyl-N-(2-morpholin-4-ylethyl)-L-phenylalaninamide
5 water water
#
_entity_poly.entity_id   1
_entity_poly.type   'polypeptide(L)'
_entity_poly.pdbx_seq_one_letter_code
;VLTEGNPRWEQTHLRYRIENYTPDLPRADVDHAIEKAFQLWSDVTPLTFTKVSEGQADIMISFVRGDHRDNSPFDGPGGN
LAHAFDPGPGIGGDAHFDEDERWTNNFREYNLHRVAAHELGHSLGLSHSTDIGALMYPSYTFSGDVQLAQDDIDGIQAIY
GRSQNPVQP
;
_entity_poly.pdbx_strand_id   A,B
#
loop_
_chem_comp.id
_chem_comp.type
_chem_comp.name
_chem_comp.formula
0ED peptide-like N-[(1S)-3-{[(benzyloxy)carbonyl]amino}-1-carboxypropyl]-L-leucyl-N-(2-morpholin-4-ylethyl)-L-phenylalaninamide 'C33 H47 N5 O7'
CA non-polymer 'CALCIUM ION' 'Ca 2'
ZN non-polymer 'ZINC ION' 'Zn 2'
#
# COMPACT_ATOMS: atom_id res chain seq x y z
N VAL A 1 0.01 -7.75 -10.06
CA VAL A 1 0.78 -6.70 -10.77
C VAL A 1 1.29 -5.75 -9.70
N LEU A 2 2.56 -5.34 -9.81
CA LEU A 2 3.22 -4.42 -8.87
C LEU A 2 2.89 -2.94 -9.15
N THR A 3 3.78 -2.00 -8.78
CA THR A 3 3.53 -0.57 -9.02
C THR A 3 4.68 0.39 -8.66
N GLU A 4 5.89 -0.15 -8.50
CA GLU A 4 7.13 0.57 -8.14
C GLU A 4 7.20 2.13 -8.22
N GLY A 5 7.78 2.75 -7.19
CA GLY A 5 7.88 4.22 -7.11
C GLY A 5 9.15 4.89 -7.62
N ASN A 6 10.20 4.97 -6.79
CA ASN A 6 11.49 5.58 -7.19
C ASN A 6 12.84 5.28 -6.44
N PRO A 7 13.00 5.76 -5.19
CA PRO A 7 14.25 5.55 -4.46
C PRO A 7 14.72 4.10 -4.41
N ARG A 8 16.05 3.92 -4.47
CA ARG A 8 16.68 2.61 -4.45
C ARG A 8 18.11 2.75 -3.95
N TRP A 9 18.56 1.83 -3.10
CA TRP A 9 19.93 1.88 -2.53
C TRP A 9 20.96 1.81 -3.64
N GLU A 10 21.83 2.80 -3.72
CA GLU A 10 22.84 2.77 -4.77
C GLU A 10 24.05 1.92 -4.35
N GLN A 11 23.85 0.97 -3.43
CA GLN A 11 24.94 0.08 -3.01
C GLN A 11 24.33 -1.30 -2.80
N THR A 12 25.00 -2.34 -3.29
CA THR A 12 24.51 -3.70 -3.17
C THR A 12 24.80 -4.42 -1.86
N HIS A 13 25.69 -3.87 -1.05
CA HIS A 13 25.94 -4.48 0.24
C HIS A 13 25.43 -3.55 1.35
N LEU A 14 24.27 -3.88 1.90
CA LEU A 14 23.72 -3.09 2.98
C LEU A 14 24.09 -3.75 4.30
N ARG A 15 23.82 -3.04 5.39
CA ARG A 15 24.06 -3.51 6.75
C ARG A 15 22.75 -3.24 7.52
N TYR A 16 22.49 -4.04 8.54
CA TYR A 16 21.29 -3.82 9.32
C TYR A 16 21.53 -4.16 10.77
N ARG A 17 20.73 -3.52 11.62
CA ARG A 17 20.82 -3.74 13.04
C ARG A 17 19.43 -3.90 13.58
N ILE A 18 19.27 -4.84 14.50
CA ILE A 18 18.01 -5.09 15.17
C ILE A 18 18.14 -4.49 16.57
N GLU A 19 17.69 -3.25 16.70
CA GLU A 19 17.70 -2.46 17.93
C GLU A 19 17.15 -3.13 19.18
N ASN A 20 16.01 -3.81 19.07
CA ASN A 20 15.42 -4.48 20.24
C ASN A 20 14.66 -5.70 19.81
N TYR A 21 14.18 -6.48 20.79
CA TYR A 21 13.46 -7.73 20.53
C TYR A 21 12.12 -7.84 21.22
N THR A 22 11.22 -8.58 20.61
CA THR A 22 9.90 -8.85 21.15
C THR A 22 10.06 -9.84 22.30
N PRO A 23 9.33 -9.63 23.39
CA PRO A 23 9.47 -10.60 24.47
C PRO A 23 8.59 -11.81 24.14
N ASP A 24 7.91 -11.76 23.00
CA ASP A 24 7.03 -12.84 22.58
C ASP A 24 7.76 -14.08 22.17
N LEU A 25 8.87 -13.95 21.47
CA LEU A 25 9.57 -15.15 21.07
C LEU A 25 11.06 -15.02 21.38
N PRO A 26 11.75 -16.16 21.59
CA PRO A 26 13.18 -16.11 21.91
C PRO A 26 13.97 -15.27 20.93
N ARG A 27 15.08 -14.72 21.43
CA ARG A 27 15.97 -13.85 20.67
C ARG A 27 16.46 -14.53 19.41
N ALA A 28 16.79 -15.80 19.51
CA ALA A 28 17.26 -16.55 18.36
C ALA A 28 16.19 -16.70 17.29
N ASP A 29 14.93 -16.77 17.70
CA ASP A 29 13.88 -16.91 16.71
C ASP A 29 13.66 -15.61 15.97
N VAL A 30 13.83 -14.49 16.68
CA VAL A 30 13.69 -13.16 16.10
C VAL A 30 14.81 -12.90 15.11
N ASP A 31 16.04 -13.19 15.51
CA ASP A 31 17.22 -13.02 14.68
C ASP A 31 17.11 -13.78 13.38
N HIS A 32 16.69 -15.02 13.51
CA HIS A 32 16.54 -15.93 12.38
C HIS A 32 15.42 -15.63 11.36
N ALA A 33 14.33 -15.07 11.85
CA ALA A 33 13.18 -14.70 11.02
C ALA A 33 13.59 -13.52 10.18
N ILE A 34 14.27 -12.57 10.82
CA ILE A 34 14.75 -11.37 10.16
C ILE A 34 15.79 -11.77 9.14
N GLU A 35 16.72 -12.62 9.54
CA GLU A 35 17.75 -13.11 8.65
C GLU A 35 17.18 -13.80 7.43
N LYS A 36 16.23 -14.67 7.67
CA LYS A 36 15.59 -15.42 6.61
C LYS A 36 14.79 -14.54 5.66
N ALA A 37 14.24 -13.44 6.16
CA ALA A 37 13.48 -12.53 5.32
C ALA A 37 14.43 -11.83 4.35
N PHE A 38 15.60 -11.43 4.85
CA PHE A 38 16.62 -10.78 4.03
C PHE A 38 17.11 -11.79 3.00
N GLN A 39 17.31 -13.02 3.43
CA GLN A 39 17.80 -14.12 2.56
C GLN A 39 16.94 -14.32 1.30
N LEU A 40 15.66 -13.96 1.37
CA LEU A 40 14.70 -14.09 0.27
C LEU A 40 15.02 -13.16 -0.89
N TRP A 41 15.28 -11.91 -0.56
CA TRP A 41 15.58 -10.89 -1.55
C TRP A 41 16.94 -11.14 -2.12
N SER A 42 17.86 -11.55 -1.27
CA SER A 42 19.23 -11.84 -1.63
C SER A 42 19.31 -13.00 -2.63
N ASP A 43 18.36 -13.92 -2.56
CA ASP A 43 18.33 -15.07 -3.45
C ASP A 43 18.10 -14.74 -4.91
N VAL A 44 17.48 -13.61 -5.18
CA VAL A 44 17.17 -13.23 -6.58
C VAL A 44 17.83 -11.95 -7.09
N THR A 45 18.71 -11.35 -6.34
CA THR A 45 19.33 -10.12 -6.80
C THR A 45 20.77 -10.14 -6.35
N PRO A 46 21.56 -9.15 -6.77
CA PRO A 46 22.97 -9.07 -6.39
C PRO A 46 23.21 -8.39 -5.04
N LEU A 47 22.17 -8.30 -4.21
CA LEU A 47 22.25 -7.67 -2.91
C LEU A 47 22.80 -8.59 -1.84
N THR A 48 23.39 -7.98 -0.82
CA THR A 48 23.99 -8.68 0.30
C THR A 48 23.71 -7.84 1.55
N PHE A 49 23.42 -8.51 2.66
CA PHE A 49 23.10 -7.84 3.90
C PHE A 49 23.97 -8.42 5.01
N THR A 50 24.39 -7.57 5.93
CA THR A 50 25.24 -7.99 7.05
C THR A 50 24.71 -7.50 8.41
N LYS A 51 24.47 -8.44 9.32
CA LYS A 51 23.98 -8.09 10.65
C LYS A 51 25.07 -7.35 11.43
N VAL A 52 24.71 -6.21 12.04
CA VAL A 52 25.68 -5.45 12.80
C VAL A 52 25.13 -5.22 14.18
N SER A 53 25.98 -5.37 15.20
CA SER A 53 25.63 -5.20 16.61
C SER A 53 25.59 -3.74 16.96
N GLU A 54 26.42 -2.97 16.28
CA GLU A 54 26.49 -1.54 16.51
C GLU A 54 27.25 -0.88 15.39
N GLY A 55 27.21 0.45 15.35
CA GLY A 55 27.87 1.19 14.30
C GLY A 55 26.77 1.77 13.41
N GLN A 56 27.12 2.12 12.17
CA GLN A 56 26.11 2.68 11.29
C GLN A 56 25.60 1.57 10.40
N ALA A 57 24.30 1.29 10.49
CA ALA A 57 23.67 0.26 9.68
C ALA A 57 22.75 0.98 8.74
N ASP A 58 22.39 0.35 7.64
CA ASP A 58 21.49 0.96 6.68
C ASP A 58 20.03 0.69 7.07
N ILE A 59 19.73 -0.53 7.51
CA ILE A 59 18.36 -0.88 7.89
C ILE A 59 18.28 -1.15 9.38
N MET A 60 17.51 -0.32 10.07
CA MET A 60 17.33 -0.48 11.51
C MET A 60 15.92 -0.95 11.83
N ILE A 61 15.86 -2.14 12.40
CA ILE A 61 14.61 -2.81 12.77
C ILE A 61 14.34 -2.65 14.26
N SER A 62 13.08 -2.40 14.61
CA SER A 62 12.71 -2.24 16.02
C SER A 62 11.23 -2.48 16.27
N PHE A 63 10.91 -3.01 17.45
CA PHE A 63 9.52 -3.29 17.78
C PHE A 63 9.08 -2.14 18.64
N VAL A 64 8.03 -1.45 18.21
CA VAL A 64 7.50 -0.27 18.89
C VAL A 64 5.99 -0.37 19.01
N ARG A 65 5.39 0.46 19.84
CA ARG A 65 3.94 0.47 20.06
C ARG A 65 3.44 1.91 20.02
N GLY A 66 2.22 2.14 19.55
CA GLY A 66 1.65 3.48 19.53
C GLY A 66 2.52 4.58 18.96
N ASP A 67 2.58 5.72 19.66
CA ASP A 67 3.40 6.85 19.19
C ASP A 67 4.85 6.60 19.56
N HIS A 68 5.63 6.35 18.53
CA HIS A 68 7.05 6.05 18.68
C HIS A 68 7.97 7.08 18.05
N ARG A 69 7.52 8.33 18.06
CA ARG A 69 8.27 9.44 17.52
C ARG A 69 8.72 9.42 16.06
N ASP A 70 7.78 9.17 15.16
CA ASP A 70 8.11 9.19 13.74
C ASP A 70 6.93 9.62 12.90
N ASN A 71 6.01 10.32 13.57
CA ASN A 71 4.80 10.89 12.98
C ASN A 71 3.75 9.97 12.43
N SER A 72 3.98 8.67 12.58
CA SER A 72 3.01 7.66 12.19
C SER A 72 2.91 6.58 13.29
N PRO A 73 2.12 6.86 14.34
CA PRO A 73 1.89 5.98 15.49
C PRO A 73 1.14 4.67 15.19
N PHE A 74 1.42 3.65 16.00
CA PHE A 74 0.74 2.38 15.84
C PHE A 74 -0.58 2.41 16.57
N ASP A 75 -1.48 1.55 16.11
CA ASP A 75 -2.86 1.46 16.57
C ASP A 75 -3.25 0.44 17.64
N GLY A 76 -2.25 -0.26 18.19
CA GLY A 76 -2.55 -1.24 19.21
C GLY A 76 -2.66 -2.59 18.53
N PRO A 77 -3.29 -3.57 19.21
CA PRO A 77 -3.45 -4.91 18.66
C PRO A 77 -4.37 -4.87 17.43
N GLY A 78 -3.99 -5.60 16.39
CA GLY A 78 -4.75 -5.63 15.16
C GLY A 78 -4.39 -4.51 14.20
N GLY A 79 -5.15 -4.42 13.12
CA GLY A 79 -4.93 -3.39 12.12
C GLY A 79 -3.52 -3.29 11.58
N ASN A 80 -2.92 -2.11 11.70
CA ASN A 80 -1.55 -1.86 11.22
C ASN A 80 -0.58 -2.67 12.08
N LEU A 81 0.16 -3.55 11.43
CA LEU A 81 1.10 -4.43 12.11
C LEU A 81 2.51 -3.95 12.09
N ALA A 82 2.88 -3.23 11.04
CA ALA A 82 4.24 -2.73 10.92
C ALA A 82 4.29 -1.78 9.75
N HIS A 83 5.45 -1.23 9.47
CA HIS A 83 5.66 -0.33 8.34
C HIS A 83 7.14 -0.03 8.17
N ALA A 84 7.58 0.14 6.94
CA ALA A 84 8.98 0.43 6.69
C ALA A 84 9.09 1.62 5.77
N PHE A 85 10.24 2.29 5.80
CA PHE A 85 10.49 3.46 4.95
C PHE A 85 11.33 3.06 3.74
N ASP A 86 11.06 3.69 2.60
CA ASP A 86 11.80 3.40 1.37
C ASP A 86 13.26 3.87 1.47
N PRO A 87 14.14 3.31 0.64
CA PRO A 87 15.58 3.65 0.62
C PRO A 87 15.92 5.11 0.81
N GLY A 88 16.83 5.38 1.75
CA GLY A 88 17.26 6.75 2.06
C GLY A 88 18.02 6.80 3.38
N PRO A 89 18.65 7.96 3.72
CA PRO A 89 19.40 8.10 4.98
C PRO A 89 18.44 8.26 6.17
N GLY A 90 18.97 8.21 7.38
CA GLY A 90 18.10 8.36 8.53
C GLY A 90 17.09 7.21 8.64
N ILE A 91 15.80 7.53 8.72
CA ILE A 91 14.83 6.46 8.84
C ILE A 91 14.65 5.75 7.51
N GLY A 92 15.34 6.20 6.47
CA GLY A 92 15.23 5.55 5.19
C GLY A 92 15.69 4.10 5.28
N GLY A 93 14.80 3.17 4.95
CA GLY A 93 15.13 1.75 5.02
C GLY A 93 14.72 1.05 6.31
N ASP A 94 14.45 1.82 7.36
CA ASP A 94 14.06 1.28 8.66
C ASP A 94 12.70 0.60 8.71
N ALA A 95 12.55 -0.33 9.64
CA ALA A 95 11.30 -1.08 9.78
C ALA A 95 10.90 -1.19 11.24
N HIS A 96 9.66 -0.84 11.53
CA HIS A 96 9.10 -0.85 12.87
C HIS A 96 8.00 -1.86 12.93
N PHE A 97 7.96 -2.66 14.00
CA PHE A 97 6.92 -3.68 14.16
C PHE A 97 6.06 -3.33 15.35
N ASP A 98 4.76 -3.33 15.16
CA ASP A 98 3.81 -3.00 16.20
C ASP A 98 3.96 -4.08 17.30
N GLU A 99 4.42 -3.66 18.46
CA GLU A 99 4.62 -4.53 19.61
C GLU A 99 3.30 -5.01 20.21
N ASP A 100 2.23 -4.28 19.93
CA ASP A 100 0.94 -4.63 20.47
C ASP A 100 0.40 -5.90 19.86
N GLU A 101 1.04 -6.36 18.78
CA GLU A 101 0.61 -7.58 18.09
C GLU A 101 1.39 -8.70 18.73
N ARG A 102 0.93 -9.95 18.65
CA ARG A 102 1.70 -11.07 19.20
C ARG A 102 2.52 -11.60 18.04
N TRP A 103 3.84 -11.58 18.16
CA TRP A 103 4.68 -12.07 17.08
C TRP A 103 5.01 -13.54 17.28
N THR A 104 4.64 -14.36 16.30
CA THR A 104 4.85 -15.81 16.33
C THR A 104 5.90 -16.28 15.32
N ASN A 105 5.99 -17.58 15.16
CA ASN A 105 6.90 -18.15 14.22
C ASN A 105 6.28 -19.47 13.79
N ASN A 106 4.99 -19.41 13.51
CA ASN A 106 4.22 -20.56 13.07
C ASN A 106 2.96 -20.03 12.43
N PHE A 107 1.93 -20.88 12.30
CA PHE A 107 0.63 -20.49 11.73
C PHE A 107 -0.16 -19.54 12.64
N ARG A 108 0.17 -19.51 13.93
CA ARG A 108 -0.57 -18.65 14.85
C ARG A 108 -0.42 -17.18 14.45
N GLU A 109 -1.56 -16.49 14.38
CA GLU A 109 -1.58 -15.12 13.95
C GLU A 109 -0.44 -14.14 14.28
N TYR A 110 0.19 -13.77 13.16
CA TYR A 110 1.31 -12.83 13.03
C TYR A 110 2.70 -13.39 13.15
N ASN A 111 3.01 -14.22 12.15
CA ASN A 111 4.28 -14.87 11.94
C ASN A 111 5.30 -13.79 11.59
N LEU A 112 6.21 -13.49 12.51
CA LEU A 112 7.22 -12.44 12.30
C LEU A 112 7.93 -12.51 10.95
N HIS A 113 8.37 -13.69 10.56
CA HIS A 113 9.08 -13.86 9.30
C HIS A 113 8.28 -13.44 8.07
N ARG A 114 6.99 -13.74 8.06
CA ARG A 114 6.13 -13.38 6.94
C ARG A 114 5.91 -11.87 6.81
N VAL A 115 5.84 -11.16 7.93
CA VAL A 115 5.63 -9.72 7.91
C VAL A 115 6.95 -8.99 7.65
N ALA A 116 8.03 -9.50 8.22
CA ALA A 116 9.38 -8.94 8.07
C ALA A 116 9.81 -8.97 6.60
N ALA A 117 9.58 -10.09 5.94
CA ALA A 117 9.94 -10.25 4.54
C ALA A 117 9.21 -9.22 3.68
N HIS A 118 7.95 -8.99 4.00
CA HIS A 118 7.12 -8.01 3.30
C HIS A 118 7.71 -6.61 3.50
N GLU A 119 7.83 -6.20 4.76
CA GLU A 119 8.36 -4.89 5.12
C GLU A 119 9.71 -4.57 4.54
N LEU A 120 10.63 -5.52 4.66
CA LEU A 120 11.98 -5.35 4.13
C LEU A 120 11.98 -5.12 2.63
N GLY A 121 10.96 -5.62 1.95
CA GLY A 121 10.86 -5.40 0.52
C GLY A 121 10.60 -3.92 0.30
N HIS A 122 9.93 -3.26 1.24
CA HIS A 122 9.65 -1.84 1.17
C HIS A 122 10.91 -1.06 1.39
N SER A 123 11.71 -1.52 2.34
CA SER A 123 13.00 -0.90 2.68
C SER A 123 13.98 -0.97 1.50
N LEU A 124 13.69 -1.83 0.54
CA LEU A 124 14.55 -1.98 -0.63
C LEU A 124 14.00 -1.16 -1.78
N GLY A 125 12.74 -0.75 -1.68
CA GLY A 125 12.15 0.05 -2.75
C GLY A 125 10.94 -0.55 -3.41
N LEU A 126 10.44 -1.66 -2.89
CA LEU A 126 9.29 -2.33 -3.48
C LEU A 126 8.00 -1.67 -3.13
N SER A 127 7.12 -1.61 -4.13
CA SER A 127 5.77 -1.06 -3.96
C SER A 127 4.92 -2.29 -3.64
N HIS A 128 3.59 -2.17 -3.66
CA HIS A 128 2.73 -3.33 -3.40
C HIS A 128 2.38 -4.03 -4.70
N SER A 129 1.83 -5.22 -4.58
CA SER A 129 1.39 -5.99 -5.71
C SER A 129 -0.15 -6.12 -5.61
N THR A 130 -0.79 -6.37 -6.75
CA THR A 130 -2.24 -6.56 -6.82
C THR A 130 -2.51 -8.07 -6.70
N ASP A 131 -1.50 -8.84 -7.08
CA ASP A 131 -1.53 -10.30 -7.06
C ASP A 131 -1.73 -10.75 -5.65
N ILE A 132 -2.84 -11.43 -5.39
CA ILE A 132 -3.17 -11.91 -4.05
C ILE A 132 -2.24 -13.00 -3.52
N GLY A 133 -1.39 -13.50 -4.40
CA GLY A 133 -0.44 -14.53 -4.01
C GLY A 133 1.00 -14.07 -3.84
N ALA A 134 1.32 -12.85 -4.24
CA ALA A 134 2.67 -12.33 -4.11
C ALA A 134 2.93 -11.94 -2.66
N LEU A 135 4.20 -11.75 -2.32
CA LEU A 135 4.57 -11.39 -0.98
C LEU A 135 4.29 -9.93 -0.67
N MET A 136 4.35 -9.10 -1.71
CA MET A 136 4.12 -7.67 -1.54
C MET A 136 2.69 -7.21 -1.65
N TYR A 137 1.75 -8.13 -1.50
CA TYR A 137 0.31 -7.83 -1.52
C TYR A 137 0.07 -6.95 -0.30
N PRO A 138 -0.91 -6.03 -0.36
CA PRO A 138 -1.15 -5.17 0.79
C PRO A 138 -1.62 -5.72 2.15
N SER A 139 -2.19 -6.93 2.22
CA SER A 139 -2.59 -7.48 3.53
C SER A 139 -1.95 -8.84 3.82
N TYR A 140 -1.84 -9.14 5.11
CA TYR A 140 -1.22 -10.36 5.60
C TYR A 140 -1.94 -11.62 5.16
N THR A 141 -1.13 -12.61 4.75
CA THR A 141 -1.61 -13.90 4.29
C THR A 141 -0.50 -14.90 4.63
N PHE A 142 -0.85 -16.11 5.06
CA PHE A 142 0.15 -17.11 5.39
C PHE A 142 -0.30 -18.45 4.85
N SER A 143 0.34 -18.87 3.77
CA SER A 143 0.05 -20.15 3.12
C SER A 143 0.75 -21.26 3.86
N GLY A 144 1.52 -20.86 4.86
CA GLY A 144 2.26 -21.82 5.65
C GLY A 144 3.68 -21.74 5.16
N ASP A 145 3.86 -21.13 3.99
CA ASP A 145 5.18 -20.96 3.40
C ASP A 145 5.36 -19.50 2.96
N VAL A 146 6.61 -19.03 2.92
CA VAL A 146 6.91 -17.65 2.52
C VAL A 146 8.05 -17.59 1.51
N GLN A 147 7.66 -17.63 0.24
CA GLN A 147 8.57 -17.59 -0.90
C GLN A 147 8.06 -16.52 -1.84
N LEU A 148 8.97 -15.82 -2.49
CA LEU A 148 8.61 -14.72 -3.40
C LEU A 148 7.77 -15.18 -4.58
N ALA A 149 6.70 -14.48 -4.89
CA ALA A 149 5.89 -14.84 -6.03
C ALA A 149 6.57 -14.18 -7.22
N GLN A 150 6.13 -14.49 -8.43
CA GLN A 150 6.72 -13.92 -9.63
C GLN A 150 6.73 -12.40 -9.58
N ASP A 151 5.64 -11.85 -9.03
CA ASP A 151 5.50 -10.40 -8.90
C ASP A 151 6.64 -9.80 -8.09
N ASP A 152 7.00 -10.49 -7.01
CA ASP A 152 8.09 -10.04 -6.16
C ASP A 152 9.46 -10.17 -6.80
N ILE A 153 9.67 -11.29 -7.49
CA ILE A 153 10.91 -11.54 -8.19
C ILE A 153 11.06 -10.43 -9.23
N ASP A 154 10.00 -10.21 -10.01
CA ASP A 154 10.03 -9.20 -11.05
C ASP A 154 10.25 -7.78 -10.58
N GLY A 155 9.52 -7.39 -9.54
CA GLY A 155 9.62 -6.05 -9.01
C GLY A 155 10.99 -5.73 -8.46
N ILE A 156 11.54 -6.62 -7.65
CA ILE A 156 12.84 -6.38 -7.04
C ILE A 156 13.99 -6.43 -8.04
N GLN A 157 13.93 -7.37 -8.98
CA GLN A 157 14.97 -7.53 -9.99
C GLN A 157 15.02 -6.36 -10.99
N ALA A 158 13.88 -5.72 -11.17
CA ALA A 158 13.82 -4.57 -12.05
C ALA A 158 14.67 -3.43 -11.46
N ILE A 159 14.77 -3.41 -10.14
CA ILE A 159 15.50 -2.36 -9.48
C ILE A 159 16.96 -2.69 -9.30
N TYR A 160 17.25 -3.90 -8.85
CA TYR A 160 18.63 -4.26 -8.57
C TYR A 160 19.33 -5.22 -9.49
N GLY A 161 18.60 -5.85 -10.38
CA GLY A 161 19.25 -6.80 -11.23
C GLY A 161 19.06 -8.19 -10.65
N ARG A 162 19.25 -9.20 -11.51
CA ARG A 162 19.08 -10.57 -11.10
C ARG A 162 20.36 -11.24 -10.62
N SER A 163 20.22 -12.28 -9.82
CA SER A 163 21.34 -13.01 -9.30
C SER A 163 21.98 -13.86 -10.39
N GLN A 164 23.23 -14.24 -10.17
CA GLN A 164 23.97 -15.08 -11.12
C GLN A 164 23.88 -16.52 -10.68
N ASN A 165 24.02 -16.69 -9.37
CA ASN A 165 24.00 -17.98 -8.71
C ASN A 165 22.63 -18.59 -8.56
N PRO A 166 22.56 -19.92 -8.59
CA PRO A 166 21.28 -20.62 -8.44
C PRO A 166 20.84 -20.41 -7.00
N VAL A 167 19.80 -21.14 -6.57
CA VAL A 167 19.32 -21.06 -5.20
C VAL A 167 19.26 -22.46 -4.66
N GLN A 168 19.97 -22.66 -3.57
CA GLN A 168 20.08 -23.94 -2.86
C GLN A 168 20.40 -25.09 -3.80
N ASN B 6 5.15 5.17 -10.83
CA ASN B 6 3.92 5.99 -10.89
C ASN B 6 3.83 6.83 -12.19
N PRO B 7 2.80 6.56 -12.98
CA PRO B 7 2.48 7.21 -14.26
C PRO B 7 1.38 8.24 -14.10
N ARG B 8 0.96 8.88 -15.21
CA ARG B 8 -0.15 9.83 -15.16
C ARG B 8 -0.88 9.92 -16.51
N TRP B 9 -2.05 10.54 -16.51
CA TRP B 9 -2.82 10.69 -17.72
C TRP B 9 -2.24 11.89 -18.42
N GLU B 10 -1.65 11.70 -19.59
CA GLU B 10 -1.07 12.84 -20.32
C GLU B 10 -2.15 13.51 -21.18
N GLN B 11 -3.41 13.30 -20.81
CA GLN B 11 -4.54 13.91 -21.47
C GLN B 11 -5.33 14.42 -20.27
N THR B 12 -5.81 15.67 -20.37
CA THR B 12 -6.55 16.34 -19.31
C THR B 12 -8.03 16.05 -19.18
N HIS B 13 -8.73 15.82 -20.28
CA HIS B 13 -10.13 15.52 -20.08
C HIS B 13 -10.47 14.05 -20.04
N LEU B 14 -10.57 13.51 -18.84
CA LEU B 14 -10.89 12.12 -18.66
C LEU B 14 -12.41 11.92 -18.72
N ARG B 15 -12.82 10.71 -19.07
CA ARG B 15 -14.24 10.36 -19.10
C ARG B 15 -14.29 9.08 -18.28
N TYR B 16 -15.32 8.91 -17.44
CA TYR B 16 -15.43 7.74 -16.59
C TYR B 16 -16.81 7.13 -16.67
N ARG B 17 -16.93 5.83 -16.42
CA ARG B 17 -18.22 5.17 -16.50
C ARG B 17 -18.59 4.34 -15.28
N ILE B 18 -19.79 4.56 -14.74
CA ILE B 18 -20.28 3.79 -13.60
C ILE B 18 -21.07 2.68 -14.23
N GLU B 19 -20.52 1.48 -14.23
CA GLU B 19 -21.17 0.32 -14.84
C GLU B 19 -22.41 -0.16 -14.10
N ASN B 20 -22.35 -0.13 -12.77
CA ASN B 20 -23.47 -0.56 -11.98
C ASN B 20 -23.52 0.20 -10.69
N TYR B 21 -24.60 0.02 -9.95
CA TYR B 21 -24.79 0.73 -8.71
C TYR B 21 -25.13 -0.21 -7.56
N THR B 22 -24.66 0.20 -6.38
CA THR B 22 -24.89 -0.56 -5.16
C THR B 22 -26.34 -0.46 -4.75
N PRO B 23 -26.93 -1.57 -4.28
CA PRO B 23 -28.33 -1.51 -3.86
C PRO B 23 -28.42 -0.79 -2.51
N ASP B 24 -27.28 -0.57 -1.88
CA ASP B 24 -27.20 0.09 -0.58
C ASP B 24 -27.75 1.50 -0.55
N LEU B 25 -27.40 2.31 -1.52
CA LEU B 25 -27.89 3.68 -1.51
C LEU B 25 -28.54 4.00 -2.86
N PRO B 26 -29.48 4.95 -2.88
CA PRO B 26 -30.16 5.34 -4.12
C PRO B 26 -29.17 5.70 -5.23
N ARG B 27 -29.54 5.46 -6.49
CA ARG B 27 -28.68 5.76 -7.65
C ARG B 27 -28.17 7.20 -7.62
N ALA B 28 -29.07 8.12 -7.26
CA ALA B 28 -28.70 9.51 -7.20
C ALA B 28 -27.58 9.73 -6.19
N ASP B 29 -27.65 9.06 -5.04
CA ASP B 29 -26.63 9.22 -4.00
C ASP B 29 -25.28 8.74 -4.52
N VAL B 30 -25.30 7.62 -5.24
CA VAL B 30 -24.10 7.02 -5.80
C VAL B 30 -23.46 7.89 -6.86
N ASP B 31 -24.23 8.30 -7.86
CA ASP B 31 -23.72 9.14 -8.94
C ASP B 31 -23.13 10.41 -8.38
N HIS B 32 -23.81 10.97 -7.38
CA HIS B 32 -23.42 12.22 -6.76
C HIS B 32 -22.16 12.17 -5.88
N ALA B 33 -21.96 11.02 -5.23
CA ALA B 33 -20.81 10.81 -4.38
C ALA B 33 -19.57 10.67 -5.26
N ILE B 34 -19.75 9.94 -6.35
CA ILE B 34 -18.70 9.70 -7.32
C ILE B 34 -18.34 11.05 -7.94
N GLU B 35 -19.37 11.77 -8.37
CA GLU B 35 -19.18 13.10 -8.97
C GLU B 35 -18.40 14.03 -8.07
N LYS B 36 -18.87 14.15 -6.82
CA LYS B 36 -18.22 15.01 -5.83
C LYS B 36 -16.78 14.60 -5.53
N ALA B 37 -16.48 13.30 -5.65
CA ALA B 37 -15.13 12.74 -5.40
C ALA B 37 -14.21 13.27 -6.50
N PHE B 38 -14.67 13.17 -7.74
CA PHE B 38 -13.91 13.68 -8.88
C PHE B 38 -13.74 15.18 -8.72
N GLN B 39 -14.79 15.86 -8.29
CA GLN B 39 -14.80 17.32 -8.08
C GLN B 39 -13.68 17.84 -7.17
N LEU B 40 -13.24 17.01 -6.23
CA LEU B 40 -12.18 17.38 -5.30
C LEU B 40 -10.83 17.56 -5.96
N TRP B 41 -10.48 16.63 -6.83
CA TRP B 41 -9.20 16.67 -7.49
C TRP B 41 -9.20 17.74 -8.55
N SER B 42 -10.31 17.87 -9.27
CA SER B 42 -10.39 18.90 -10.30
C SER B 42 -10.45 20.30 -9.72
N ASP B 43 -10.69 20.43 -8.41
CA ASP B 43 -10.72 21.75 -7.82
C ASP B 43 -9.32 22.31 -7.60
N VAL B 44 -8.29 21.46 -7.67
CA VAL B 44 -6.88 21.88 -7.45
C VAL B 44 -5.89 21.55 -8.61
N THR B 45 -6.40 21.12 -9.75
CA THR B 45 -5.54 20.78 -10.87
C THR B 45 -6.26 21.16 -12.13
N PRO B 46 -5.60 21.02 -13.28
CA PRO B 46 -6.23 21.35 -14.56
C PRO B 46 -7.00 20.20 -15.17
N LEU B 47 -7.29 19.17 -14.38
CA LEU B 47 -8.01 17.99 -14.84
C LEU B 47 -9.51 18.24 -14.96
N THR B 48 -10.14 17.46 -15.84
CA THR B 48 -11.57 17.53 -16.10
C THR B 48 -12.06 16.09 -16.31
N PHE B 49 -13.23 15.78 -15.75
CA PHE B 49 -13.82 14.45 -15.85
C PHE B 49 -15.22 14.54 -16.45
N THR B 50 -15.57 13.59 -17.31
CA THR B 50 -16.90 13.59 -17.90
C THR B 50 -17.60 12.24 -17.76
N LYS B 51 -18.77 12.25 -17.12
CA LYS B 51 -19.59 11.05 -16.90
C LYS B 51 -20.16 10.57 -18.24
N VAL B 52 -20.06 9.28 -18.53
CA VAL B 52 -20.55 8.77 -19.79
C VAL B 52 -21.41 7.52 -19.63
N GLN B 56 -16.97 4.86 -24.53
CA GLN B 56 -15.68 4.43 -23.91
C GLN B 56 -15.27 5.51 -22.91
N ALA B 57 -14.59 5.08 -21.85
CA ALA B 57 -14.15 5.98 -20.79
C ALA B 57 -12.82 5.52 -20.32
N ASP B 58 -12.12 6.40 -19.61
CA ASP B 58 -10.80 6.10 -19.06
C ASP B 58 -10.94 5.45 -17.68
N ILE B 59 -11.89 5.93 -16.89
CA ILE B 59 -12.07 5.39 -15.57
C ILE B 59 -13.39 4.65 -15.51
N MET B 60 -13.33 3.33 -15.30
CA MET B 60 -14.52 2.49 -15.18
C MET B 60 -14.71 2.12 -13.70
N ILE B 61 -15.84 2.53 -13.14
CA ILE B 61 -16.18 2.29 -11.75
C ILE B 61 -17.27 1.23 -11.68
N SER B 62 -17.17 0.34 -10.70
CA SER B 62 -18.16 -0.72 -10.54
C SER B 62 -18.12 -1.38 -9.17
N PHE B 63 -19.29 -1.82 -8.70
CA PHE B 63 -19.41 -2.46 -7.41
C PHE B 63 -19.40 -3.96 -7.65
N VAL B 64 -18.45 -4.66 -7.03
CA VAL B 64 -18.35 -6.10 -7.22
C VAL B 64 -18.11 -6.76 -5.87
N ARG B 65 -18.20 -8.09 -5.81
CA ARG B 65 -17.97 -8.81 -4.57
C ARG B 65 -17.17 -10.08 -4.88
N GLY B 66 -16.28 -10.49 -3.98
CA GLY B 66 -15.50 -11.69 -4.19
C GLY B 66 -14.58 -11.70 -5.41
N ASP B 67 -14.48 -12.85 -6.07
CA ASP B 67 -13.66 -13.02 -7.28
C ASP B 67 -14.38 -12.30 -8.42
N HIS B 68 -13.76 -11.28 -8.98
CA HIS B 68 -14.40 -10.56 -10.08
C HIS B 68 -13.55 -10.42 -11.34
N ARG B 69 -12.73 -11.44 -11.65
CA ARG B 69 -11.90 -11.48 -12.87
C ARG B 69 -10.74 -10.45 -13.00
N ASP B 70 -10.04 -10.18 -11.92
CA ASP B 70 -8.97 -9.21 -12.03
C ASP B 70 -7.71 -9.51 -11.22
N ASN B 71 -7.56 -10.75 -10.73
CA ASN B 71 -6.39 -11.18 -9.93
C ASN B 71 -6.40 -10.78 -8.44
N SER B 72 -7.28 -9.85 -8.07
CA SER B 72 -7.37 -9.41 -6.69
C SER B 72 -8.83 -9.48 -6.18
N PRO B 73 -9.27 -10.67 -5.74
CA PRO B 73 -10.65 -10.81 -5.24
C PRO B 73 -10.93 -10.09 -3.92
N PHE B 74 -12.21 -9.76 -3.71
CA PHE B 74 -12.59 -9.10 -2.48
C PHE B 74 -12.83 -10.09 -1.36
N ASP B 75 -12.69 -9.61 -0.13
CA ASP B 75 -12.79 -10.44 1.05
C ASP B 75 -14.12 -10.52 1.81
N GLY B 76 -15.17 -9.97 1.25
CA GLY B 76 -16.43 -10.01 1.95
C GLY B 76 -16.59 -8.76 2.77
N PRO B 77 -17.47 -8.78 3.78
CA PRO B 77 -17.68 -7.60 4.61
C PRO B 77 -16.46 -7.32 5.48
N GLY B 78 -16.09 -6.05 5.58
CA GLY B 78 -14.94 -5.62 6.34
C GLY B 78 -13.67 -5.62 5.51
N GLY B 79 -12.56 -5.37 6.20
CA GLY B 79 -11.25 -5.39 5.59
C GLY B 79 -11.08 -4.54 4.35
N ASN B 80 -10.74 -5.19 3.25
CA ASN B 80 -10.51 -4.53 1.99
C ASN B 80 -11.85 -4.03 1.49
N LEU B 81 -11.98 -2.71 1.42
CA LEU B 81 -13.21 -2.03 0.99
C LEU B 81 -13.29 -1.75 -0.50
N ALA B 82 -12.15 -1.50 -1.13
CA ALA B 82 -12.12 -1.16 -2.53
C ALA B 82 -10.66 -1.12 -2.97
N HIS B 83 -10.44 -0.85 -4.25
CA HIS B 83 -9.09 -0.73 -4.83
C HIS B 83 -9.17 -0.18 -6.24
N ALA B 84 -8.17 0.63 -6.60
CA ALA B 84 -8.13 1.25 -7.91
C ALA B 84 -6.77 1.05 -8.51
N PHE B 85 -6.74 1.01 -9.85
CA PHE B 85 -5.50 0.81 -10.59
C PHE B 85 -4.91 2.15 -11.06
N ASP B 86 -3.58 2.25 -11.06
CA ASP B 86 -2.87 3.45 -11.48
C ASP B 86 -3.14 3.74 -12.96
N PRO B 87 -2.92 4.99 -13.43
CA PRO B 87 -3.16 5.40 -14.82
C PRO B 87 -2.59 4.47 -15.88
N GLY B 88 -3.41 4.14 -16.87
CA GLY B 88 -2.95 3.27 -17.93
C GLY B 88 -4.15 2.77 -18.69
N PRO B 89 -3.98 2.07 -19.82
CA PRO B 89 -5.09 1.54 -20.62
C PRO B 89 -5.75 0.31 -19.97
N GLY B 90 -6.90 -0.11 -20.48
CA GLY B 90 -7.58 -1.26 -19.89
C GLY B 90 -8.02 -1.02 -18.46
N ILE B 91 -7.56 -1.84 -17.53
CA ILE B 91 -7.93 -1.66 -16.13
C ILE B 91 -7.29 -0.40 -15.53
N GLY B 92 -6.34 0.20 -16.26
CA GLY B 92 -5.68 1.38 -15.78
C GLY B 92 -6.67 2.50 -15.43
N GLY B 93 -6.64 2.92 -14.17
CA GLY B 93 -7.52 3.98 -13.73
C GLY B 93 -8.85 3.52 -13.17
N ASP B 94 -9.22 2.26 -13.37
CA ASP B 94 -10.50 1.75 -12.89
C ASP B 94 -10.58 1.57 -11.38
N ALA B 95 -11.80 1.64 -10.84
CA ALA B 95 -12.02 1.52 -9.40
C ALA B 95 -13.14 0.54 -9.09
N HIS B 96 -12.88 -0.42 -8.21
CA HIS B 96 -13.88 -1.44 -7.84
C HIS B 96 -14.19 -1.33 -6.36
N PHE B 97 -15.46 -1.35 -6.00
CA PHE B 97 -15.89 -1.24 -4.60
C PHE B 97 -16.49 -2.53 -4.09
N ASP B 98 -15.99 -3.01 -2.97
CA ASP B 98 -16.46 -4.25 -2.35
C ASP B 98 -17.97 -4.04 -2.07
N GLU B 99 -18.80 -4.83 -2.73
CA GLU B 99 -20.24 -4.76 -2.57
C GLU B 99 -20.64 -5.35 -1.23
N ASP B 100 -19.82 -6.25 -0.70
CA ASP B 100 -20.13 -6.86 0.57
C ASP B 100 -20.11 -5.85 1.72
N GLU B 101 -19.63 -4.63 1.45
CA GLU B 101 -19.60 -3.58 2.46
C GLU B 101 -20.93 -2.86 2.36
N ARG B 102 -21.31 -2.14 3.41
CA ARG B 102 -22.56 -1.37 3.41
C ARG B 102 -22.16 0.11 3.22
N TRP B 103 -22.39 0.61 2.00
CA TRP B 103 -22.03 1.98 1.56
C TRP B 103 -22.99 3.06 1.97
N THR B 104 -22.49 4.17 2.50
CA THR B 104 -23.39 5.23 2.93
C THR B 104 -23.14 6.62 2.33
N ASN B 105 -24.07 7.52 2.60
CA ASN B 105 -23.99 8.93 2.19
C ASN B 105 -24.03 9.70 3.52
N ASN B 106 -23.39 9.14 4.56
CA ASN B 106 -23.41 9.76 5.86
C ASN B 106 -22.18 9.39 6.70
N PHE B 107 -22.28 9.66 8.00
CA PHE B 107 -21.21 9.39 8.97
C PHE B 107 -21.08 7.92 9.30
N ARG B 108 -22.10 7.13 9.00
CA ARG B 108 -22.06 5.72 9.30
C ARG B 108 -21.05 4.96 8.47
N GLU B 109 -20.57 3.84 9.03
CA GLU B 109 -19.55 2.98 8.42
C GLU B 109 -19.65 2.63 6.93
N TYR B 110 -18.58 3.08 6.27
CA TYR B 110 -18.28 3.00 4.85
C TYR B 110 -19.05 4.00 3.99
N ASN B 111 -18.68 5.26 4.20
CA ASN B 111 -19.22 6.41 3.48
C ASN B 111 -18.60 6.34 2.08
N LEU B 112 -19.41 6.07 1.07
CA LEU B 112 -18.95 5.95 -0.32
C LEU B 112 -18.06 7.08 -0.76
N HIS B 113 -18.47 8.31 -0.49
CA HIS B 113 -17.67 9.48 -0.90
C HIS B 113 -16.22 9.52 -0.34
N ARG B 114 -16.03 9.11 0.90
CA ARG B 114 -14.73 9.09 1.55
C ARG B 114 -13.79 8.04 0.94
N VAL B 115 -14.33 6.90 0.56
CA VAL B 115 -13.55 5.83 -0.06
C VAL B 115 -13.32 6.12 -1.53
N ALA B 116 -14.34 6.62 -2.22
CA ALA B 116 -14.26 6.96 -3.64
C ALA B 116 -13.19 8.02 -3.89
N ALA B 117 -13.19 9.06 -3.06
CA ALA B 117 -12.20 10.15 -3.17
C ALA B 117 -10.77 9.58 -3.06
N HIS B 118 -10.58 8.66 -2.12
CA HIS B 118 -9.29 8.02 -1.91
C HIS B 118 -8.87 7.22 -3.16
N GLU B 119 -9.73 6.29 -3.58
CA GLU B 119 -9.45 5.43 -4.73
C GLU B 119 -9.20 6.20 -6.01
N LEU B 120 -10.00 7.22 -6.26
CA LEU B 120 -9.84 8.02 -7.47
C LEU B 120 -8.48 8.71 -7.49
N GLY B 121 -7.92 8.94 -6.30
CA GLY B 121 -6.59 9.54 -6.21
C GLY B 121 -5.56 8.59 -6.78
N HIS B 122 -5.83 7.29 -6.64
CA HIS B 122 -4.97 6.23 -7.15
C HIS B 122 -5.10 6.15 -8.67
N SER B 123 -6.32 6.36 -9.17
CA SER B 123 -6.61 6.33 -10.61
C SER B 123 -5.93 7.53 -11.30
N LEU B 124 -5.51 8.50 -10.51
CA LEU B 124 -4.86 9.69 -11.05
C LEU B 124 -3.35 9.57 -10.95
N GLY B 125 -2.86 8.61 -10.16
CA GLY B 125 -1.43 8.41 -10.02
C GLY B 125 -0.88 8.63 -8.63
N LEU B 126 -1.77 8.86 -7.67
CA LEU B 126 -1.34 9.09 -6.30
C LEU B 126 -0.99 7.82 -5.56
N SER B 127 0.09 7.89 -4.78
CA SER B 127 0.55 6.79 -3.96
C SER B 127 -0.09 7.01 -2.59
N HIS B 128 0.35 6.32 -1.55
CA HIS B 128 -0.23 6.51 -0.21
C HIS B 128 0.54 7.56 0.56
N SER B 129 -0.05 8.02 1.65
CA SER B 129 0.57 9.02 2.51
C SER B 129 0.86 8.33 3.84
N THR B 130 1.84 8.85 4.59
CA THR B 130 2.16 8.28 5.90
C THR B 130 1.43 9.13 6.95
N ASP B 131 1.05 10.33 6.52
CA ASP B 131 0.34 11.30 7.34
C ASP B 131 -1.03 10.72 7.62
N ILE B 132 -1.29 10.49 8.91
CA ILE B 132 -2.54 9.89 9.36
C ILE B 132 -3.80 10.81 9.15
N GLY B 133 -3.55 12.05 8.74
CA GLY B 133 -4.63 12.99 8.48
C GLY B 133 -4.89 13.27 7.00
N ALA B 134 -4.04 12.76 6.12
CA ALA B 134 -4.25 12.98 4.69
C ALA B 134 -5.33 12.04 4.14
N LEU B 135 -5.81 12.35 2.94
CA LEU B 135 -6.83 11.54 2.30
C LEU B 135 -6.28 10.23 1.77
N MET B 136 -5.02 10.26 1.37
CA MET B 136 -4.34 9.09 0.80
C MET B 136 -3.68 8.15 1.78
N TYR B 137 -3.99 8.30 3.07
CA TYR B 137 -3.43 7.42 4.10
C TYR B 137 -3.95 6.01 3.76
N PRO B 138 -3.20 4.93 4.09
CA PRO B 138 -3.65 3.57 3.78
C PRO B 138 -4.96 3.00 4.32
N SER B 139 -5.49 3.52 5.43
CA SER B 139 -6.75 2.96 5.94
C SER B 139 -7.86 4.01 6.11
N TYR B 140 -9.09 3.53 6.12
CA TYR B 140 -10.28 4.36 6.25
C TYR B 140 -10.32 5.14 7.54
N THR B 141 -10.78 6.36 7.41
CA THR B 141 -10.95 7.29 8.51
C THR B 141 -12.01 8.29 8.08
N PHE B 142 -12.87 8.70 9.00
CA PHE B 142 -13.88 9.67 8.65
C PHE B 142 -13.99 10.68 9.74
N SER B 143 -13.46 11.88 9.50
CA SER B 143 -13.49 12.98 10.49
C SER B 143 -14.86 13.62 10.47
N GLY B 144 -15.71 13.14 9.55
CA GLY B 144 -17.05 13.66 9.38
C GLY B 144 -16.98 14.57 8.19
N ASP B 145 -15.75 14.85 7.78
CA ASP B 145 -15.52 15.73 6.67
C ASP B 145 -14.53 15.10 5.73
N VAL B 146 -14.57 15.59 4.48
CA VAL B 146 -13.71 15.08 3.41
C VAL B 146 -13.12 16.25 2.58
N GLN B 147 -11.95 16.74 3.02
CA GLN B 147 -11.19 17.84 2.41
C GLN B 147 -9.76 17.35 2.19
N LEU B 148 -9.18 17.57 1.02
CA LEU B 148 -7.82 17.15 0.77
C LEU B 148 -6.83 17.85 1.69
N ALA B 149 -5.88 17.11 2.24
CA ALA B 149 -4.84 17.68 3.10
C ALA B 149 -3.82 18.33 2.19
N GLN B 150 -2.88 19.09 2.74
CA GLN B 150 -1.88 19.71 1.89
C GLN B 150 -1.07 18.60 1.21
N ASP B 151 -0.92 17.48 1.90
CA ASP B 151 -0.20 16.35 1.34
C ASP B 151 -0.86 15.95 0.02
N ASP B 152 -2.18 15.80 0.04
CA ASP B 152 -2.92 15.39 -1.14
C ASP B 152 -2.85 16.46 -2.22
N ILE B 153 -3.01 17.72 -1.83
CA ILE B 153 -2.94 18.82 -2.78
C ILE B 153 -1.53 18.84 -3.39
N ASP B 154 -0.52 18.72 -2.54
CA ASP B 154 0.89 18.71 -2.95
C ASP B 154 1.22 17.60 -3.95
N GLY B 155 0.82 16.37 -3.62
CA GLY B 155 1.11 15.24 -4.48
C GLY B 155 0.49 15.30 -5.84
N ILE B 156 -0.79 15.66 -5.91
CA ILE B 156 -1.51 15.72 -7.17
C ILE B 156 -1.01 16.87 -8.05
N GLN B 157 -0.81 18.05 -7.47
CA GLN B 157 -0.34 19.21 -8.23
C GLN B 157 1.07 19.05 -8.75
N ALA B 158 1.86 18.22 -8.08
CA ALA B 158 3.22 17.97 -8.53
C ALA B 158 3.19 17.26 -9.87
N ILE B 159 2.10 16.54 -10.11
CA ILE B 159 1.90 15.76 -11.33
C ILE B 159 1.25 16.55 -12.45
N TYR B 160 0.11 17.17 -12.13
CA TYR B 160 -0.66 17.89 -13.13
C TYR B 160 -0.62 19.41 -13.12
N GLY B 161 -0.04 20.00 -12.09
CA GLY B 161 -0.02 21.44 -12.04
C GLY B 161 -1.25 21.92 -11.29
N ARG B 162 -1.26 23.21 -10.99
CA ARG B 162 -2.35 23.85 -10.26
C ARG B 162 -3.45 24.39 -11.16
N SER B 163 -4.64 24.59 -10.60
CA SER B 163 -5.77 25.09 -11.36
C SER B 163 -5.65 26.58 -11.59
N GLN B 164 -6.27 27.07 -12.68
CA GLN B 164 -6.27 28.51 -13.00
C GLN B 164 -7.56 29.11 -12.44
N ASN B 165 -8.67 28.39 -12.66
CA ASN B 165 -9.96 28.84 -12.18
C ASN B 165 -10.23 28.25 -10.78
ZN ZN C . 3.26 -3.12 2.43
ZN ZN D . 7.33 4.05 12.74
CA CA E . -1.34 -2.66 15.37
C1 0ED F . 1.43 2.18 7.72
O1 0ED F . 1.84 2.58 8.83
O2 0ED F . 1.32 2.93 6.56
C2 0ED F . 1.75 4.29 6.45
C3 0ED F . 3.26 4.34 6.60
C4 0ED F . 4.08 3.67 5.70
C5 0ED F . 5.43 3.65 5.89
C6 0ED F . 5.95 4.32 7.00
C7 0ED F . 5.14 5.04 7.89
C8 0ED F . 3.80 5.01 7.68
N 0ED F . 1.09 0.93 7.62
CA 0ED F . 0.61 0.43 6.34
CB 0ED F . 0.60 -1.04 6.41
CG 0ED F . 1.98 -1.64 6.16
CD 0ED F . 2.38 -1.87 4.68
OE1 0ED F . 2.25 -1.10 3.74
OE2 0ED F . 2.85 -3.12 4.40
N1 0ED F . 1.90 -2.92 6.90
CA1 0ED F . 1.02 -4.07 6.41
C 0ED F . -0.13 -4.08 7.41
O 0ED F . 0.06 -3.72 8.58
CB1 0ED F . 1.88 -5.36 6.40
CG1 0ED F . 1.32 -6.69 5.93
CD1 0ED F . 0.96 -6.67 4.44
CD2 0ED F . 2.21 -7.89 6.30
N2 0ED F . -1.32 -4.49 6.91
CA2 0ED F . -2.52 -4.71 7.77
C9 0ED F . -2.78 -6.22 7.91
O3 0ED F . -2.60 -6.99 7.00
CB2 0ED F . -3.78 -4.01 7.15
CG2 0ED F . -3.77 -2.47 7.16
CD11 0ED F . -4.04 -1.79 8.32
CD21 0ED F . -3.25 -1.79 6.04
CE1 0ED F . -3.69 -0.46 8.42
CE2 0ED F . -2.89 -0.47 6.17
CZ 0ED F . -3.08 0.19 7.37
O11 0ED F . -8.00 -6.10 6.52
C21 0ED F . -8.18 -5.64 7.85
C31 0ED F . -6.94 -5.83 8.79
N4 0ED F . -6.36 -7.16 8.60
C51 0ED F . -6.25 -7.57 7.18
C61 0ED F . -7.67 -7.45 6.53
C1' 0ED F . -5.40 -7.68 9.60
C2' 0ED F . -3.93 -7.93 9.18
N2' 0ED F . -3.28 -6.64 9.01
H2 0ED F . -1.28 -4.90 5.97
H21 0ED F . 1.47 4.67 5.45
H22 0ED F . 1.21 4.93 7.16
H41 0ED F . 3.66 3.12 4.86
H51 0ED F . 6.08 3.11 5.21
H61 0ED F . 7.01 4.29 7.17
H71 0ED F . 5.56 5.59 8.71
H81 0ED F . 3.16 5.54 8.37
H 0ED F . 1.27 0.30 8.41
HA1 0ED F . -0.40 0.83 6.17
HA2 0ED F . 1.20 0.80 5.47
HB1 0ED F . -0.11 -1.40 5.63
HB2 0ED F . 0.08 -1.34 7.35
HG1 0ED F . 2.77 -1.05 6.66
HA 0ED F . 0.64 -3.87 5.38
HB21 0ED F . 2.83 -5.18 5.83
HB3 0ED F . 2.27 -5.50 7.44
HG 0ED F . 0.40 -6.87 6.53
HD11 0ED F . 1.32 -5.77 3.87
HD12 0ED F . 1.15 -7.58 3.83
HD13 0ED F . -0.15 -6.54 4.45
HD21 0ED F . 3.07 -7.71 6.92
HD22 0ED F . 1.68 -8.43 7.09
HD23 0ED F . 2.20 -8.76 5.61
HA3 0ED F . -2.35 -4.26 8.77
HB22 0ED F . -3.97 -4.40 6.13
HB31 0ED F . -4.69 -4.34 7.70
HD1 0ED F . -4.51 -2.29 9.16
HD2 0ED F . -3.00 -2.32 5.14
HE1 0ED F . -3.91 0.08 9.33
HE21 0ED F . -2.42 0.03 5.34
H1'1 0ED F . -5.44 -7.09 10.54
H1'2 0ED F . -5.80 -8.66 9.93
H2'1 0ED F . -3.41 -8.49 9.98
H2'2 0ED F . -3.88 -8.59 8.29
HN21 0ED F . -3.52 -5.87 9.65
ZN ZN G . -5.15 3.49 -1.32
ZN ZN H . -10.76 -5.62 -8.57
CA CA I . -14.32 -6.37 1.95
C1 0ED J . -6.29 -4.11 -2.48
O1 0ED J . -7.08 -4.85 -3.06
O2 0ED J . -4.92 -3.98 -2.77
C2 0ED J . -4.26 -4.63 -3.84
C3 0ED J . -4.76 -4.10 -5.15
C4 0ED J . -4.56 -2.75 -5.52
C5 0ED J . -5.11 -2.29 -6.68
C6 0ED J . -5.84 -3.17 -7.49
C7 0ED J . -6.01 -4.51 -7.16
C8 0ED J . -5.48 -4.95 -5.98
N 0ED J . -6.77 -3.36 -1.57
CA 0ED J . -5.86 -2.43 -0.88
CB 0ED J . -6.68 -1.45 -0.12
CG 0ED J . -7.19 -0.29 -0.99
CD 0ED J . -6.19 0.89 -1.17
OE1 0ED J . -5.00 0.83 -1.44
OE2 0ED J . -6.70 2.12 -0.90
N1 0ED J . -8.44 0.12 -0.32
CA1 0ED J . -8.38 0.79 1.05
C 0ED J . -8.85 -0.28 2.04
O 0ED J . -9.65 -1.13 1.67
CB1 0ED J . -9.26 2.05 1.03
CG1 0ED J . -9.37 3.04 2.18
CD1 0ED J . -8.09 3.75 2.52
CD2 0ED J . -10.49 4.02 1.95
N2 0ED J . -8.33 -0.23 3.27
CA2 0ED J . -8.77 -1.10 4.41
C9 0ED J . -9.61 -0.26 5.40
O3 0ED J . -9.28 0.86 5.68
CB2 0ED J . -7.56 -1.73 5.17
CG2 0ED J . -6.76 -2.76 4.34
CD11 0ED J . -7.28 -4.05 4.19
CD21 0ED J . -5.65 -2.37 3.58
CE1 0ED J . -6.73 -4.89 3.21
CE2 0ED J . -5.15 -3.20 2.60
CZ 0ED J . -5.73 -4.44 2.37
O11 0ED J . -6.96 -1.77 9.88
C21 0ED J . -7.74 -2.96 9.73
C31 0ED J . -8.98 -2.81 8.78
N4 0ED J . -9.66 -1.53 8.93
C51 0ED J . -8.77 -0.36 9.10
C61 0ED J . -7.75 -0.64 10.25
C1' 0ED J . -11.00 -1.38 8.34
C2' 0ED J . -11.20 -0.33 7.23
N2' 0ED J . -10.61 -0.83 5.98
H2 0ED J . -7.85 0.66 3.47
H21 0ED J . -3.18 -4.43 -3.78
H22 0ED J . -4.36 -5.72 -3.74
H41 0ED J . -4.01 -2.06 -4.89
H51 0ED J . -5.00 -1.25 -6.96
H61 0ED J . -6.30 -2.77 -8.38
H71 0ED J . -6.53 -5.19 -7.82
H81 0ED J . -5.58 -5.97 -5.66
H 0ED J . -7.78 -3.42 -1.35
HA1 0ED J . -5.23 -3.01 -0.19
HA2 0ED J . -5.15 -1.92 -1.57
HB1 0ED J . -6.05 -1.05 0.69
HB2 0ED J . -7.46 -2.01 0.45
HG1 0ED J . -7.49 -0.66 -1.98
HA 0ED J . -7.35 1.12 1.30
HB21 0ED J . -8.88 2.68 0.18
HB3 0ED J . -10.28 1.75 0.65
HG 0ED J . -9.70 2.45 3.05
HD11 0ED J . -7.34 3.76 1.73
HD12 0ED J . -8.21 4.79 2.93
HD13 0ED J . -7.62 3.18 3.32
HD21 0ED J . -10.98 3.88 0.96
HD22 0ED J . -11.34 3.96 2.68
HD23 0ED J . -10.18 5.07 1.88
HA3 0ED J . -9.38 -1.92 4.01
HB22 0ED J . -6.89 -0.96 5.60
HB31 0ED J . -7.93 -2.24 6.09
HD1 0ED J . -8.12 -4.39 4.77
HD2 0ED J . -5.25 -1.37 3.69
HE1 0ED J . -7.15 -5.88 3.08
HE21 0ED J . -4.33 -2.88 1.99
H1'1 0ED J . -11.41 -2.36 8.02
H1'2 0ED J . -11.67 -1.10 9.16
H2'1 0ED J . -12.28 -0.17 7.07
H2'2 0ED J . -10.82 0.67 7.56
HN21 0ED J . -10.75 -1.81 5.68
#